data_4GND
#
_entry.id   4GND
#
_cell.length_a   58.510
_cell.length_b   58.510
_cell.length_c   108.581
_cell.angle_alpha   90.000
_cell.angle_beta   90.000
_cell.angle_gamma   120.000
#
_symmetry.space_group_name_H-M   'P 65'
#
loop_
_entity.id
_entity.type
_entity.pdbx_description
1 polymer 'Histone-lysine N-methyltransferase NSD3'
2 non-polymer 'ZINC ION'
3 water water
#
_entity_poly.entity_id   1
_entity_poly.type   'polypeptide(L)'
_entity_poly.pdbx_seq_one_letter_code
;SNARKIKTEPKQMHEDYCFQCGDGGELVMCDKKDCPKAYHLLCLNLTQPPYGKWECPWHQCDECSSAAVSFCEFCPHSFC
KDHEKGALVPSALEGRLCCSEHDPMAP
;
_entity_poly.pdbx_strand_id   A,C
#
# COMPACT_ATOMS: atom_id res chain seq x y z
N PRO A 10 -4.67 8.62 33.60
CA PRO A 10 -3.35 8.02 33.82
C PRO A 10 -2.91 7.17 32.62
N LYS A 11 -1.60 6.99 32.45
CA LYS A 11 -1.09 6.13 31.39
C LYS A 11 -1.12 4.66 31.81
N GLN A 12 -1.58 3.80 30.92
CA GLN A 12 -1.40 2.35 31.05
C GLN A 12 -1.10 1.75 29.67
N MET A 13 -0.40 0.63 29.66
CA MET A 13 0.08 0.08 28.41
C MET A 13 -0.97 -0.72 27.63
N HIS A 14 -2.04 -1.15 28.30
CA HIS A 14 -3.08 -1.91 27.60
C HIS A 14 -4.42 -1.26 27.63
N GLU A 15 -5.23 -1.58 26.63
CA GLU A 15 -6.64 -1.18 26.57
C GLU A 15 -7.45 -1.75 27.74
N ASP A 16 -8.53 -1.04 28.08
CA ASP A 16 -9.40 -1.37 29.22
C ASP A 16 -10.58 -2.25 28.84
N TYR A 17 -10.61 -2.68 27.59
CA TYR A 17 -11.74 -3.39 27.05
C TYR A 17 -11.27 -4.58 26.23
N CYS A 18 -12.12 -5.59 26.12
CA CYS A 18 -11.82 -6.78 25.34
C CYS A 18 -11.87 -6.47 23.83
N PHE A 19 -10.78 -6.80 23.14
CA PHE A 19 -10.66 -6.59 21.68
C PHE A 19 -11.60 -7.52 20.90
N GLN A 20 -12.06 -8.60 21.54
CA GLN A 20 -13.04 -9.46 20.89
C GLN A 20 -14.48 -8.93 20.96
N CYS A 21 -14.91 -8.47 22.13
CA CYS A 21 -16.32 -8.11 22.32
C CYS A 21 -16.59 -6.66 22.74
N GLY A 22 -15.54 -5.89 23.01
CA GLY A 22 -15.69 -4.45 23.30
C GLY A 22 -16.02 -4.11 24.74
N ASP A 23 -16.28 -5.11 25.57
CA ASP A 23 -16.62 -4.91 26.98
C ASP A 23 -15.41 -5.09 27.90
N GLY A 24 -15.50 -4.51 29.09
CA GLY A 24 -14.41 -4.51 30.05
C GLY A 24 -14.61 -5.56 31.12
N GLY A 25 -13.90 -5.40 32.24
CA GLY A 25 -13.84 -6.42 33.30
C GLY A 25 -12.48 -7.09 33.35
N GLU A 26 -12.46 -8.40 33.59
CA GLU A 26 -11.21 -9.12 33.73
C GLU A 26 -10.65 -9.55 32.39
N LEU A 27 -9.39 -9.21 32.17
CA LEU A 27 -8.76 -9.39 30.87
C LEU A 27 -7.40 -10.08 31.00
N VAL A 28 -7.02 -10.83 29.98
CA VAL A 28 -5.63 -11.25 29.82
C VAL A 28 -4.93 -10.28 28.86
N MET A 29 -3.75 -9.79 29.24
CA MET A 29 -3.05 -8.78 28.42
C MET A 29 -1.95 -9.41 27.57
N CYS A 30 -1.89 -9.00 26.30
CA CYS A 30 -0.89 -9.50 25.37
C CYS A 30 0.52 -9.11 25.79
N ASP A 31 1.44 -10.08 25.80
CA ASP A 31 2.84 -9.84 26.18
C ASP A 31 3.76 -9.53 25.00
N LYS A 32 3.20 -9.50 23.79
CA LYS A 32 3.96 -9.10 22.62
C LYS A 32 4.32 -7.60 22.72
N LYS A 33 5.58 -7.29 22.37
CA LYS A 33 6.13 -5.93 22.40
C LYS A 33 5.20 -4.89 21.79
N ASP A 34 4.79 -3.90 22.58
CA ASP A 34 3.91 -2.81 22.14
C ASP A 34 2.50 -3.21 21.70
N CYS A 35 2.05 -4.41 22.04
CA CYS A 35 0.65 -4.75 21.79
C CYS A 35 -0.19 -4.30 22.99
N PRO A 36 -1.20 -3.43 22.73
CA PRO A 36 -2.07 -2.95 23.80
C PRO A 36 -3.29 -3.83 24.03
N LYS A 37 -3.43 -4.91 23.25
CA LYS A 37 -4.66 -5.71 23.29
C LYS A 37 -4.79 -6.63 24.51
N ALA A 38 -6.04 -6.77 24.96
CA ALA A 38 -6.42 -7.54 26.14
C ALA A 38 -7.77 -8.19 25.86
N TYR A 39 -8.03 -9.34 26.49
CA TYR A 39 -9.20 -10.16 26.15
C TYR A 39 -9.80 -10.82 27.37
N HIS A 40 -11.12 -10.97 27.37
CA HIS A 40 -11.79 -11.83 28.34
C HIS A 40 -11.35 -13.23 28.10
N LEU A 41 -11.16 -13.96 29.20
CA LEU A 41 -10.76 -15.38 29.13
C LEU A 41 -11.73 -16.18 28.25
N LEU A 42 -13.01 -16.09 28.58
CA LEU A 42 -14.05 -16.80 27.83
C LEU A 42 -14.07 -16.44 26.35
N CYS A 43 -13.72 -15.19 26.02
CA CYS A 43 -13.77 -14.74 24.64
C CYS A 43 -12.73 -15.43 23.73
N LEU A 44 -11.78 -16.13 24.33
CA LEU A 44 -10.75 -16.84 23.59
C LEU A 44 -10.71 -18.32 23.97
N ASN A 45 -11.79 -18.79 24.60
CA ASN A 45 -11.88 -20.14 25.15
C ASN A 45 -10.79 -20.47 26.15
N LEU A 46 -10.23 -19.44 26.78
CA LEU A 46 -9.18 -19.68 27.76
C LEU A 46 -9.86 -20.07 29.05
N THR A 47 -9.28 -21.07 29.71
CA THR A 47 -9.92 -21.67 30.85
C THR A 47 -9.36 -21.19 32.19
N GLN A 48 -8.27 -20.44 32.11
CA GLN A 48 -7.53 -19.94 33.26
C GLN A 48 -6.50 -18.91 32.81
N PRO A 49 -6.14 -17.95 33.69
CA PRO A 49 -5.16 -16.93 33.33
C PRO A 49 -3.83 -17.58 32.94
N PRO A 50 -3.37 -17.35 31.70
CA PRO A 50 -2.12 -17.96 31.27
C PRO A 50 -0.97 -17.41 32.10
N TYR A 51 0.02 -18.25 32.36
CA TYR A 51 1.23 -17.78 33.02
C TYR A 51 2.32 -17.67 31.98
N GLY A 52 3.38 -16.91 32.29
CA GLY A 52 4.46 -16.70 31.35
C GLY A 52 4.06 -15.80 30.19
N LYS A 53 4.91 -15.79 29.16
CA LYS A 53 4.73 -14.90 28.02
C LYS A 53 3.55 -15.37 27.14
N TRP A 54 2.45 -14.61 27.20
CA TRP A 54 1.28 -14.91 26.38
C TRP A 54 1.08 -13.88 25.31
N GLU A 55 1.18 -14.32 24.05
CA GLU A 55 0.92 -13.47 22.90
C GLU A 55 -0.46 -13.73 22.32
N CYS A 56 -1.16 -12.66 21.94
CA CYS A 56 -2.54 -12.72 21.48
C CYS A 56 -2.70 -13.10 19.99
N PRO A 57 -3.92 -13.52 19.56
CA PRO A 57 -4.16 -14.02 18.20
C PRO A 57 -3.94 -13.01 17.09
N TRP A 58 -3.84 -11.73 17.44
CA TRP A 58 -3.58 -10.67 16.45
C TRP A 58 -2.32 -10.95 15.64
N HIS A 59 -1.35 -11.59 16.28
CA HIS A 59 -0.01 -11.79 15.71
C HIS A 59 0.14 -13.02 14.84
N GLN A 60 -0.86 -13.91 14.88
CA GLN A 60 -0.85 -15.09 14.01
C GLN A 60 -1.93 -15.01 12.94
N CYS A 61 -1.58 -15.38 11.70
CA CYS A 61 -2.52 -15.37 10.58
C CYS A 61 -3.66 -16.35 10.83
N ASP A 62 -4.89 -15.92 10.57
CA ASP A 62 -6.03 -16.76 10.90
C ASP A 62 -6.27 -17.86 9.88
N GLU A 63 -5.85 -17.61 8.64
CA GLU A 63 -5.92 -18.61 7.60
C GLU A 63 -4.94 -19.77 7.85
N CYS A 64 -3.65 -19.45 7.96
CA CYS A 64 -2.70 -20.47 8.34
C CYS A 64 -2.19 -20.26 9.77
N SER A 65 -0.90 -20.38 9.97
CA SER A 65 -0.36 -20.34 11.32
C SER A 65 0.83 -19.41 11.41
N SER A 66 1.28 -18.99 10.23
CA SER A 66 2.38 -18.04 10.07
C SER A 66 2.06 -16.70 10.73
N ALA A 67 3.08 -15.86 10.89
CA ALA A 67 2.98 -14.60 11.60
C ALA A 67 2.26 -13.57 10.76
N ALA A 68 1.31 -12.87 11.39
CA ALA A 68 0.51 -11.81 10.75
C ALA A 68 1.35 -10.61 10.35
N VAL A 69 1.05 -10.04 9.19
CA VAL A 69 1.71 -8.80 8.70
C VAL A 69 0.73 -7.68 8.36
N SER A 70 -0.55 -8.03 8.29
CA SER A 70 -1.64 -7.06 8.12
C SER A 70 -2.70 -7.35 9.16
N PHE A 71 -3.36 -6.31 9.65
CA PHE A 71 -4.19 -6.42 10.85
C PHE A 71 -5.57 -5.78 10.72
N CYS A 72 -6.59 -6.52 11.14
CA CYS A 72 -7.91 -5.94 11.32
C CYS A 72 -7.80 -5.06 12.55
N GLU A 73 -8.20 -3.81 12.39
CA GLU A 73 -8.11 -2.81 13.45
C GLU A 73 -9.28 -2.93 14.43
N PHE A 74 -10.17 -3.88 14.20
CA PHE A 74 -11.39 -4.00 15.00
C PHE A 74 -11.51 -5.31 15.78
N CYS A 75 -10.85 -6.36 15.31
CA CYS A 75 -10.86 -7.66 15.97
C CYS A 75 -9.53 -8.35 15.64
N PRO A 76 -9.23 -9.52 16.26
CA PRO A 76 -7.87 -10.09 16.10
C PRO A 76 -7.58 -10.86 14.82
N HIS A 77 -8.49 -10.82 13.84
CA HIS A 77 -8.17 -11.41 12.54
C HIS A 77 -7.01 -10.65 11.97
N SER A 78 -6.10 -11.38 11.34
CA SER A 78 -4.90 -10.81 10.75
C SER A 78 -4.32 -11.82 9.77
N PHE A 79 -3.43 -11.36 8.91
CA PHE A 79 -3.02 -12.16 7.75
C PHE A 79 -1.53 -12.07 7.45
N CYS A 80 -0.93 -13.23 7.15
CA CYS A 80 0.46 -13.31 6.74
C CYS A 80 0.60 -12.83 5.30
N LYS A 81 1.83 -12.88 4.78
CA LYS A 81 2.16 -12.45 3.41
C LYS A 81 1.15 -12.98 2.40
N ASP A 82 0.94 -14.29 2.46
CA ASP A 82 0.20 -15.04 1.44
C ASP A 82 -1.30 -14.76 1.42
N HIS A 83 -1.83 -14.19 2.51
CA HIS A 83 -3.27 -14.00 2.63
C HIS A 83 -3.71 -12.58 2.89
N GLU A 84 -2.87 -11.59 2.54
CA GLU A 84 -3.21 -10.16 2.69
C GLU A 84 -4.29 -9.74 1.68
N LYS A 85 -4.15 -10.24 0.46
CA LYS A 85 -4.98 -9.85 -0.69
C LYS A 85 -6.46 -10.12 -0.47
N GLY A 86 -7.25 -9.04 -0.54
CA GLY A 86 -8.69 -9.10 -0.33
C GLY A 86 -9.09 -9.47 1.09
N ALA A 87 -8.23 -9.18 2.05
CA ALA A 87 -8.53 -9.48 3.45
C ALA A 87 -8.99 -8.24 4.22
N LEU A 88 -8.27 -7.13 4.05
CA LEU A 88 -8.59 -5.87 4.72
C LEU A 88 -8.96 -4.75 3.74
N VAL A 89 -10.04 -4.04 4.04
CA VAL A 89 -10.45 -2.85 3.31
C VAL A 89 -10.63 -1.68 4.28
N PRO A 90 -10.44 -0.42 3.81
CA PRO A 90 -10.75 0.73 4.67
C PRO A 90 -12.22 0.79 5.06
N SER A 91 -12.48 1.15 6.31
CA SER A 91 -13.84 1.27 6.82
C SER A 91 -14.22 2.75 6.87
N ALA A 92 -15.48 3.03 7.17
CA ALA A 92 -16.01 4.40 7.19
C ALA A 92 -15.52 5.19 8.39
N LEU A 93 -14.80 4.51 9.29
CA LEU A 93 -14.32 5.09 10.54
C LEU A 93 -12.85 5.46 10.41
N GLU A 94 -12.61 6.70 10.00
CA GLU A 94 -11.26 7.24 9.85
C GLU A 94 -10.40 6.45 8.86
N GLY A 95 -11.05 5.64 8.03
CA GLY A 95 -10.36 4.86 7.01
C GLY A 95 -9.67 3.61 7.53
N ARG A 96 -9.77 3.39 8.84
CA ARG A 96 -9.16 2.22 9.49
C ARG A 96 -9.60 0.92 8.80
N LEU A 97 -8.63 0.03 8.58
CA LEU A 97 -8.86 -1.22 7.86
C LEU A 97 -9.67 -2.23 8.68
N CYS A 98 -10.59 -2.94 8.03
CA CYS A 98 -11.45 -3.93 8.70
C CYS A 98 -11.51 -5.26 7.93
N CYS A 99 -11.56 -6.37 8.66
CA CYS A 99 -11.66 -7.69 8.04
C CYS A 99 -13.09 -7.95 7.61
N SER A 100 -13.31 -9.09 6.96
CA SER A 100 -14.61 -9.40 6.35
C SER A 100 -15.70 -9.65 7.37
N GLU A 101 -15.34 -9.63 8.65
CA GLU A 101 -16.29 -9.87 9.73
C GLU A 101 -17.03 -8.61 10.16
N HIS A 102 -16.66 -7.47 9.58
CA HIS A 102 -17.36 -6.22 9.91
C HIS A 102 -17.90 -5.58 8.68
N ASP A 103 -19.00 -4.84 8.83
CA ASP A 103 -19.52 -3.98 7.77
C ASP A 103 -18.56 -2.80 7.65
N PRO A 104 -17.96 -2.56 6.46
CA PRO A 104 -17.00 -1.45 6.30
C PRO A 104 -17.63 -0.06 6.47
N MET A 105 -18.95 0.02 6.33
CA MET A 105 -19.68 1.28 6.53
C MET A 105 -19.93 1.56 8.00
N ALA A 106 -19.91 0.50 8.82
CA ALA A 106 -20.19 0.62 10.25
C ALA A 106 -19.49 -0.48 11.05
N PRO A 107 -18.14 -0.41 11.12
CA PRO A 107 -17.34 -1.50 11.68
C PRO A 107 -17.37 -1.55 13.21
N SER B 1 -1.41 48.07 -18.84
CA SER B 1 -2.47 47.64 -17.89
C SER B 1 -1.95 46.61 -16.91
N ASN B 2 -2.75 45.59 -16.65
CA ASN B 2 -2.52 44.71 -15.52
C ASN B 2 -2.42 43.24 -15.89
N ALA B 3 -1.59 42.49 -15.17
CA ALA B 3 -1.40 41.08 -15.42
C ALA B 3 -1.86 40.26 -14.22
N ARG B 4 -3.02 39.63 -14.34
CA ARG B 4 -3.47 38.66 -13.36
C ARG B 4 -3.76 37.36 -14.08
N LYS B 5 -2.89 36.37 -13.89
CA LYS B 5 -3.01 35.08 -14.57
C LYS B 5 -4.28 34.30 -14.18
N ILE B 6 -5.26 34.31 -15.07
CA ILE B 6 -6.52 33.56 -14.90
C ILE B 6 -6.37 32.14 -15.45
N LYS B 7 -6.54 31.15 -14.57
CA LYS B 7 -6.42 29.74 -14.95
C LYS B 7 -7.78 29.10 -15.26
N THR B 8 -8.24 29.27 -16.49
CA THR B 8 -9.55 28.77 -16.93
C THR B 8 -9.50 27.32 -17.41
N GLU B 9 -8.29 26.78 -17.51
CA GLU B 9 -8.07 25.52 -18.21
C GLU B 9 -7.49 24.41 -17.30
N PRO B 10 -7.94 23.16 -17.50
CA PRO B 10 -7.66 22.05 -16.58
C PRO B 10 -6.21 21.59 -16.52
N LYS B 11 -5.98 20.63 -15.61
CA LYS B 11 -4.75 19.85 -15.57
C LYS B 11 -4.40 19.35 -16.97
N GLN B 12 -3.25 19.77 -17.48
CA GLN B 12 -2.75 19.32 -18.77
C GLN B 12 -2.39 17.84 -18.66
N MET B 13 -3.08 17.01 -19.45
CA MET B 13 -3.09 15.55 -19.32
C MET B 13 -1.72 14.87 -19.16
N HIS B 14 -0.71 15.37 -19.86
CA HIS B 14 0.62 14.74 -19.87
C HIS B 14 1.72 15.66 -19.45
N GLU B 15 2.81 15.06 -18.97
CA GLU B 15 3.94 15.79 -18.43
C GLU B 15 4.78 16.48 -19.51
N ASP B 16 5.57 17.47 -19.11
CA ASP B 16 6.42 18.24 -20.02
C ASP B 16 7.81 17.61 -20.20
N TYR B 17 8.09 16.57 -19.42
CA TYR B 17 9.41 15.94 -19.43
C TYR B 17 9.32 14.45 -19.71
N CYS B 18 10.42 13.90 -20.21
CA CYS B 18 10.51 12.49 -20.53
C CYS B 18 10.69 11.68 -19.26
N PHE B 19 9.80 10.72 -19.01
CA PHE B 19 9.86 9.85 -17.83
C PHE B 19 11.05 8.89 -17.85
N GLN B 20 11.64 8.68 -19.05
CA GLN B 20 12.88 7.89 -19.15
C GLN B 20 14.14 8.69 -18.78
N CYS B 21 14.34 9.85 -19.39
CA CYS B 21 15.60 10.58 -19.24
C CYS B 21 15.50 11.89 -18.45
N GLY B 22 14.30 12.48 -18.43
CA GLY B 22 14.04 13.65 -17.61
C GLY B 22 13.95 14.97 -18.37
N ASP B 23 14.57 15.03 -19.54
CA ASP B 23 14.60 16.26 -20.33
C ASP B 23 13.29 16.47 -21.07
N GLY B 24 12.99 17.72 -21.43
CA GLY B 24 11.74 18.05 -22.14
C GLY B 24 11.86 17.87 -23.64
N GLY B 25 10.88 18.40 -24.38
CA GLY B 25 10.94 18.41 -25.85
C GLY B 25 9.72 17.82 -26.52
N GLU B 26 9.88 17.35 -27.74
CA GLU B 26 8.79 16.64 -28.40
C GLU B 26 8.62 15.25 -27.78
N LEU B 27 7.41 14.96 -27.33
CA LEU B 27 7.14 13.74 -26.58
C LEU B 27 5.94 12.99 -27.09
N VAL B 28 6.05 11.67 -27.08
CA VAL B 28 4.94 10.78 -27.38
C VAL B 28 4.19 10.53 -26.06
N MET B 29 2.87 10.44 -26.14
CA MET B 29 2.08 10.45 -24.93
C MET B 29 1.36 9.13 -24.77
N CYS B 30 1.31 8.65 -23.53
CA CYS B 30 0.69 7.35 -23.22
C CYS B 30 -0.83 7.44 -23.40
N ASP B 31 -1.42 6.44 -24.03
CA ASP B 31 -2.88 6.41 -24.30
C ASP B 31 -3.66 5.67 -23.24
N LYS B 32 -2.95 4.93 -22.39
CA LYS B 32 -3.60 4.23 -21.29
C LYS B 32 -4.28 5.29 -20.42
N LYS B 33 -5.54 5.03 -20.06
CA LYS B 33 -6.37 5.99 -19.32
C LYS B 33 -5.70 6.56 -18.08
N ASP B 34 -5.66 7.90 -18.00
CA ASP B 34 -5.15 8.62 -16.82
C ASP B 34 -3.63 8.62 -16.68
N CYS B 35 -2.91 7.86 -17.51
CA CYS B 35 -1.45 7.88 -17.41
C CYS B 35 -0.85 9.16 -18.02
N PRO B 36 -0.16 9.95 -17.19
CA PRO B 36 0.39 11.24 -17.62
C PRO B 36 1.78 11.14 -18.28
N LYS B 37 2.28 9.92 -18.48
CA LYS B 37 3.67 9.75 -18.87
C LYS B 37 3.95 9.98 -20.36
N ALA B 38 4.98 10.79 -20.63
CA ALA B 38 5.42 11.12 -21.99
C ALA B 38 6.93 10.87 -22.16
N TYR B 39 7.38 10.74 -23.42
CA TYR B 39 8.71 10.20 -23.73
C TYR B 39 9.27 10.66 -25.10
N HIS B 40 10.57 10.92 -25.21
CA HIS B 40 11.17 11.06 -26.57
C HIS B 40 11.12 9.72 -27.25
N LEU B 41 10.85 9.72 -28.56
CA LEU B 41 10.84 8.50 -29.38
C LEU B 41 12.11 7.66 -29.18
N LEU B 42 13.26 8.31 -29.24
CA LEU B 42 14.53 7.63 -29.09
C LEU B 42 14.67 6.96 -27.74
N CYS B 43 14.09 7.55 -26.70
CA CYS B 43 14.03 6.91 -25.38
C CYS B 43 13.06 5.71 -25.37
N LEU B 44 12.23 5.60 -26.39
CA LEU B 44 11.36 4.44 -26.54
C LEU B 44 11.98 3.36 -27.43
N ASN B 45 13.11 3.69 -28.06
CA ASN B 45 13.73 2.86 -29.09
C ASN B 45 12.73 2.67 -30.25
N LEU B 46 11.97 3.72 -30.54
CA LEU B 46 11.08 3.72 -31.70
C LEU B 46 11.55 4.80 -32.68
N THR B 47 11.36 4.55 -33.98
CA THR B 47 11.69 5.55 -35.00
C THR B 47 10.49 6.38 -35.50
N GLN B 48 9.29 5.84 -35.37
CA GLN B 48 8.07 6.56 -35.67
C GLN B 48 7.21 6.63 -34.42
N PRO B 49 6.27 7.61 -34.37
CA PRO B 49 5.29 7.59 -33.28
C PRO B 49 4.42 6.32 -33.34
N PRO B 50 4.08 5.75 -32.17
CA PRO B 50 3.37 4.47 -32.11
C PRO B 50 2.08 4.51 -32.90
N TYR B 51 1.88 3.50 -33.73
CA TYR B 51 0.64 3.36 -34.50
C TYR B 51 -0.45 2.88 -33.57
N GLY B 52 -1.67 3.42 -33.73
CA GLY B 52 -2.83 3.04 -32.93
C GLY B 52 -2.65 3.20 -31.43
N LYS B 53 -3.47 2.48 -30.64
CA LYS B 53 -3.40 2.58 -29.18
C LYS B 53 -2.02 2.14 -28.72
N TRP B 54 -1.42 2.94 -27.83
CA TRP B 54 -0.09 2.65 -27.27
C TRP B 54 -0.05 2.89 -25.78
N GLU B 55 0.33 1.85 -25.04
CA GLU B 55 0.53 1.99 -23.60
C GLU B 55 2.01 2.01 -23.30
N CYS B 56 2.41 2.92 -22.42
CA CYS B 56 3.84 3.18 -22.16
C CYS B 56 4.54 2.05 -21.37
N PRO B 57 5.90 2.04 -21.35
CA PRO B 57 6.64 0.97 -20.65
C PRO B 57 6.33 0.83 -19.14
N TRP B 58 5.82 1.88 -18.52
CA TRP B 58 5.44 1.90 -17.10
C TRP B 58 4.44 0.85 -16.77
N HIS B 59 3.67 0.45 -17.78
CA HIS B 59 2.59 -0.53 -17.58
C HIS B 59 3.05 -1.94 -17.80
N GLN B 60 4.33 -2.09 -18.15
CA GLN B 60 4.91 -3.42 -18.43
C GLN B 60 6.10 -3.70 -17.55
N CYS B 61 6.04 -4.81 -16.83
CA CYS B 61 7.09 -5.25 -15.91
C CYS B 61 8.39 -5.45 -16.67
N ASP B 62 9.47 -4.85 -16.18
CA ASP B 62 10.74 -4.86 -16.88
C ASP B 62 11.39 -6.22 -16.77
N GLU B 63 10.88 -7.04 -15.86
CA GLU B 63 11.39 -8.38 -15.70
C GLU B 63 10.81 -9.42 -16.69
N CYS B 64 9.54 -9.31 -17.04
CA CYS B 64 8.90 -10.36 -17.84
C CYS B 64 7.89 -9.88 -18.90
N SER B 65 7.63 -8.58 -18.91
CA SER B 65 6.67 -7.90 -19.80
C SER B 65 5.18 -8.06 -19.44
N SER B 66 4.87 -8.78 -18.36
CA SER B 66 3.47 -8.90 -17.90
C SER B 66 2.94 -7.58 -17.35
N ALA B 67 1.62 -7.43 -17.36
CA ALA B 67 0.94 -6.24 -16.82
C ALA B 67 1.42 -5.90 -15.38
N ALA B 68 1.94 -4.69 -15.18
CA ALA B 68 2.55 -4.28 -13.91
C ALA B 68 1.52 -3.97 -12.83
N VAL B 69 1.89 -4.19 -11.57
CA VAL B 69 1.01 -3.85 -10.43
C VAL B 69 1.64 -2.88 -9.42
N SER B 70 2.96 -2.72 -9.47
CA SER B 70 3.62 -1.66 -8.68
C SER B 70 4.56 -0.86 -9.61
N PHE B 71 4.81 0.39 -9.27
CA PHE B 71 5.36 1.34 -10.24
C PHE B 71 6.41 2.22 -9.61
N CYS B 72 7.57 2.30 -10.24
CA CYS B 72 8.56 3.28 -9.81
C CYS B 72 8.04 4.65 -10.17
N GLU B 73 8.16 5.58 -9.23
CA GLU B 73 7.71 6.97 -9.43
C GLU B 73 8.82 7.88 -9.95
N PHE B 74 9.96 7.31 -10.28
CA PHE B 74 11.06 8.12 -10.78
C PHE B 74 11.52 7.68 -12.16
N CYS B 75 11.14 6.48 -12.58
CA CYS B 75 11.46 6.00 -13.93
C CYS B 75 10.45 4.93 -14.37
N PRO B 76 10.50 4.51 -15.66
CA PRO B 76 9.46 3.60 -16.15
C PRO B 76 9.47 2.21 -15.52
N HIS B 77 10.46 1.92 -14.67
CA HIS B 77 10.53 0.62 -14.01
C HIS B 77 9.25 0.33 -13.29
N SER B 78 8.78 -0.90 -13.42
CA SER B 78 7.54 -1.31 -12.82
C SER B 78 7.55 -2.82 -12.81
N PHE B 79 6.63 -3.41 -12.06
CA PHE B 79 6.75 -4.80 -11.68
C PHE B 79 5.38 -5.47 -11.60
N CYS B 80 5.29 -6.69 -12.09
CA CYS B 80 4.01 -7.41 -12.09
C CYS B 80 3.81 -8.17 -10.77
N LYS B 81 2.72 -8.93 -10.69
CA LYS B 81 2.39 -9.70 -9.47
C LYS B 81 3.48 -10.68 -9.06
N ASP B 82 4.13 -11.32 -10.05
CA ASP B 82 5.26 -12.23 -9.81
C ASP B 82 6.57 -11.54 -9.33
N HIS B 83 6.72 -10.24 -9.56
CA HIS B 83 8.05 -9.62 -9.44
C HIS B 83 8.09 -8.38 -8.62
N GLU B 84 7.01 -8.13 -7.88
CA GLU B 84 6.87 -6.89 -7.13
C GLU B 84 7.49 -6.86 -5.70
N LYS B 85 7.64 -8.01 -5.04
CA LYS B 85 8.14 -7.97 -3.67
C LYS B 85 9.58 -7.45 -3.62
N GLY B 86 9.81 -6.50 -2.73
CA GLY B 86 11.13 -5.88 -2.57
C GLY B 86 11.48 -4.86 -3.65
N ALA B 87 10.51 -4.57 -4.53
CA ALA B 87 10.79 -3.77 -5.72
C ALA B 87 10.94 -2.28 -5.48
N LEU B 88 10.28 -1.76 -4.43
CA LEU B 88 10.22 -0.31 -4.17
C LEU B 88 10.37 0.05 -2.69
N VAL B 89 11.03 1.17 -2.43
CA VAL B 89 11.07 1.78 -1.08
C VAL B 89 10.65 3.25 -1.19
N PRO B 90 10.11 3.83 -0.12
CA PRO B 90 9.84 5.26 -0.12
C PRO B 90 11.12 6.08 -0.18
N SER B 91 11.11 7.19 -0.92
CA SER B 91 12.29 8.05 -1.00
C SER B 91 12.17 9.31 -0.13
N ALA B 92 13.26 10.07 -0.05
CA ALA B 92 13.31 11.34 0.68
C ALA B 92 12.44 12.41 0.05
N LEU B 93 12.05 12.21 -1.22
CA LEU B 93 11.19 13.18 -1.89
C LEU B 93 9.72 12.92 -1.61
N GLU B 94 9.23 13.51 -0.52
CA GLU B 94 7.81 13.43 -0.12
C GLU B 94 7.30 11.99 0.04
N GLY B 95 8.20 11.03 0.22
CA GLY B 95 7.83 9.61 0.35
C GLY B 95 7.50 8.89 -0.94
N ARG B 96 7.92 9.44 -2.07
CA ARG B 96 7.67 8.83 -3.39
C ARG B 96 8.48 7.53 -3.57
N LEU B 97 7.80 6.48 -4.01
CA LEU B 97 8.42 5.16 -4.14
C LEU B 97 9.42 5.12 -5.28
N CYS B 98 10.57 4.48 -5.03
CA CYS B 98 11.62 4.34 -6.04
C CYS B 98 12.08 2.88 -6.25
N CYS B 99 12.38 2.53 -7.50
CA CYS B 99 12.99 1.23 -7.81
C CYS B 99 14.46 1.21 -7.36
N SER B 100 15.15 0.10 -7.57
CA SER B 100 16.52 -0.05 -7.08
C SER B 100 17.53 0.87 -7.77
N GLU B 101 17.12 1.54 -8.84
CA GLU B 101 18.04 2.36 -9.61
C GLU B 101 18.21 3.78 -9.10
N HIS B 102 17.64 4.08 -7.94
CA HIS B 102 17.75 5.41 -7.35
C HIS B 102 18.22 5.32 -5.92
N ASP B 103 18.86 6.40 -5.48
CA ASP B 103 19.25 6.59 -4.10
C ASP B 103 18.05 7.15 -3.33
N PRO B 104 17.39 6.35 -2.46
CA PRO B 104 16.22 6.80 -1.67
C PRO B 104 16.42 8.14 -0.96
N MET B 105 17.67 8.54 -0.75
CA MET B 105 18.00 9.82 -0.14
C MET B 105 18.10 10.93 -1.19
N ALA B 106 18.76 10.62 -2.30
CA ALA B 106 18.88 11.57 -3.42
C ALA B 106 18.31 10.99 -4.72
N PRO B 107 16.96 10.88 -4.81
CA PRO B 107 16.34 10.25 -5.98
C PRO B 107 16.15 11.20 -7.16
#